data_4YZM
#
_entry.id   4YZM
#
_cell.length_a   43.030
_cell.length_b   89.070
_cell.length_c   177.710
_cell.angle_alpha   90.00
_cell.angle_beta   90.00
_cell.angle_gamma   90.00
#
_symmetry.space_group_name_H-M   'P 21 21 21'
#
loop_
_entity.id
_entity.type
_entity.pdbx_description
1 polymer 'Probable serine/threonine-protein kinase roco4'
2 non-polymer 2-[(2-methoxy-4-{[4-(4-methylpiperazin-1-yl)piperidin-1-yl]carbonyl}phenyl)amino]-5,11-dimethyl-5,11-dihydro-6H-pyrimido[4,5-b][1,4]benzodiazepin-6-one
3 non-polymer 'MAGNESIUM ION'
4 water water
#
_entity_poly.entity_id   1
_entity_poly.type   'polypeptide(L)'
_entity_poly.pdbx_seq_one_letter_code
;GAMGGSEFPKSRLPTLADNEIEYEKQIGKGGFGLVHKGRLVKDKSVVAIKSLILGDSEGETEMIEKFQEFQREVFIMSNL
NHPNIVKLYGLMHNPPRMVMELVPCGDLYHRLLDKAHPIKWSVKLRLMLDIALGIEYMQNQNPPIVHRDLRSPNILLQSL
DENAPVCAKVADFGLSQQSVHSVSGLLGNFQWMAPETIGAEEESYTEKADTYSFAMILYTILTGEGPFDEYSYGKIKFIN
MIREEGLRPTIPEDCPPRLRNVIELCWSGDPKKRPHFSYIVKELSEL
;
_entity_poly.pdbx_strand_id   A,B
#
# COMPACT_ATOMS: atom_id res chain seq x y z
N ARG A 12 33.52 0.26 -5.69
CA ARG A 12 33.81 -0.89 -6.54
C ARG A 12 33.72 -0.62 -8.02
N LEU A 13 33.71 0.63 -8.45
CA LEU A 13 33.59 0.92 -9.88
C LEU A 13 34.70 1.74 -10.51
N PRO A 14 35.37 1.09 -11.53
CA PRO A 14 36.49 1.83 -12.13
C PRO A 14 36.32 3.21 -12.71
N THR A 15 37.36 4.00 -12.57
CA THR A 15 37.42 5.30 -13.14
C THR A 15 38.36 5.21 -14.29
N LEU A 16 38.03 5.87 -15.38
CA LEU A 16 38.79 5.86 -16.58
C LEU A 16 39.08 7.28 -16.87
N ALA A 17 40.12 7.54 -17.62
CA ALA A 17 40.45 8.89 -17.94
C ALA A 17 40.08 9.19 -19.38
N ASP A 18 40.00 10.45 -19.76
CA ASP A 18 39.58 10.79 -21.10
C ASP A 18 40.50 10.27 -22.16
N ASN A 19 41.74 10.02 -21.79
CA ASN A 19 42.77 9.51 -22.69
C ASN A 19 42.62 8.04 -22.94
N GLU A 20 41.73 7.39 -22.21
CA GLU A 20 41.49 5.97 -22.33
C GLU A 20 40.38 5.58 -23.30
N ILE A 21 39.52 6.53 -23.67
CA ILE A 21 38.44 6.25 -24.59
C ILE A 21 38.40 7.24 -25.74
N GLU A 22 37.97 6.73 -26.88
CA GLU A 22 37.85 7.45 -28.13
C GLU A 22 36.39 7.56 -28.51
N TYR A 23 35.93 8.77 -28.78
CA TYR A 23 34.56 9.02 -29.18
C TYR A 23 34.40 8.82 -30.67
N GLU A 24 33.25 8.33 -31.08
CA GLU A 24 32.94 8.13 -32.50
C GLU A 24 31.82 8.89 -33.17
N LYS A 25 30.62 8.74 -32.68
CA LYS A 25 29.45 9.41 -33.19
C LYS A 25 28.43 9.39 -32.09
N GLN A 26 27.46 10.26 -32.15
CA GLN A 26 26.47 10.30 -31.12
C GLN A 26 25.26 9.47 -31.42
N ILE A 27 24.97 8.51 -30.55
CA ILE A 27 23.83 7.63 -30.70
C ILE A 27 22.46 8.27 -30.47
N GLY A 28 22.30 9.05 -29.43
CA GLY A 28 21.01 9.64 -29.17
C GLY A 28 20.81 9.69 -27.69
N LYS A 29 19.62 10.01 -27.22
CA LYS A 29 19.37 10.10 -25.80
C LYS A 29 18.82 8.86 -25.15
N GLY A 30 19.43 8.40 -24.08
CA GLY A 30 18.93 7.26 -23.42
C GLY A 30 18.72 7.61 -22.01
N GLY A 31 17.53 7.35 -21.52
CA GLY A 31 17.28 7.69 -20.17
C GLY A 31 17.41 9.17 -20.03
N PHE A 32 18.23 9.58 -19.11
CA PHE A 32 18.47 10.96 -18.81
C PHE A 32 19.59 11.63 -19.55
N GLY A 33 20.35 10.88 -20.30
CA GLY A 33 21.49 11.47 -20.93
C GLY A 33 21.63 11.35 -22.41
N LEU A 34 22.80 11.71 -22.89
CA LEU A 34 23.07 11.61 -24.28
C LEU A 34 24.10 10.54 -24.46
N VAL A 35 23.80 9.59 -25.33
CA VAL A 35 24.67 8.48 -25.59
C VAL A 35 25.51 8.68 -26.82
N HIS A 36 26.74 8.24 -26.73
CA HIS A 36 27.65 8.38 -27.80
C HIS A 36 28.21 7.05 -28.00
N LYS A 37 28.76 6.81 -29.18
CA LYS A 37 29.42 5.57 -29.49
C LYS A 37 30.91 5.83 -29.40
N GLY A 38 31.66 4.96 -28.77
CA GLY A 38 33.08 5.17 -28.61
C GLY A 38 33.80 3.87 -28.51
N ARG A 39 35.10 3.88 -28.38
CA ARG A 39 35.85 2.66 -28.25
C ARG A 39 36.89 2.78 -27.19
N LEU A 40 37.26 1.68 -26.56
CA LEU A 40 38.32 1.71 -25.60
C LEU A 40 39.54 1.66 -26.43
N VAL A 41 40.44 2.56 -26.14
CA VAL A 41 41.69 2.70 -26.84
C VAL A 41 42.60 1.50 -26.71
N LYS A 42 42.62 0.86 -25.56
CA LYS A 42 43.45 -0.31 -25.40
C LYS A 42 43.02 -1.39 -26.34
N ASP A 43 41.74 -1.65 -26.28
CA ASP A 43 41.02 -2.61 -27.05
C ASP A 43 40.33 -1.63 -27.92
N LYS A 44 40.06 -1.96 -29.15
CA LYS A 44 39.37 -1.01 -29.96
C LYS A 44 37.94 -1.34 -29.77
N SER A 45 37.60 -2.02 -28.69
CA SER A 45 36.25 -2.43 -28.47
C SER A 45 35.34 -1.27 -28.31
N VAL A 46 34.13 -1.43 -28.83
CA VAL A 46 33.13 -0.41 -28.78
C VAL A 46 32.53 -0.27 -27.39
N VAL A 47 32.10 0.93 -27.08
CA VAL A 47 31.63 1.22 -25.79
C VAL A 47 30.61 2.30 -25.99
N ALA A 48 29.91 2.68 -24.94
CA ALA A 48 28.96 3.77 -25.02
C ALA A 48 29.24 4.69 -23.86
N ILE A 49 29.10 5.99 -24.08
CA ILE A 49 29.37 6.98 -23.06
C ILE A 49 28.12 7.79 -22.82
N LYS A 50 27.69 7.87 -21.58
CA LYS A 50 26.50 8.62 -21.27
C LYS A 50 26.82 9.84 -20.44
N SER A 51 26.35 10.99 -20.90
CA SER A 51 26.61 12.23 -20.25
C SER A 51 25.37 12.99 -19.98
N LEU A 52 25.44 13.93 -19.06
CA LEU A 52 24.31 14.75 -18.77
C LEU A 52 24.27 15.84 -19.78
N ILE A 53 23.09 16.16 -20.26
CA ILE A 53 22.95 17.22 -21.20
C ILE A 53 22.34 18.40 -20.44
N LEU A 54 23.14 19.45 -20.26
CA LEU A 54 22.80 20.68 -19.55
C LEU A 54 21.62 20.58 -18.61
N THR A 61 17.79 24.28 -14.47
CA THR A 61 16.82 24.97 -13.64
C THR A 61 16.24 24.03 -12.60
N GLU A 62 17.08 23.19 -12.04
CA GLU A 62 16.66 22.24 -11.05
C GLU A 62 16.04 21.01 -11.72
N MET A 63 16.03 21.02 -13.04
CA MET A 63 15.52 19.90 -13.76
C MET A 63 16.76 19.09 -13.82
N ILE A 64 17.86 19.80 -13.69
CA ILE A 64 19.14 19.13 -13.75
C ILE A 64 19.21 18.29 -12.52
N GLU A 65 18.13 17.56 -12.43
CA GLU A 65 17.95 16.55 -11.42
C GLU A 65 17.96 15.15 -12.02
N LYS A 66 18.52 15.18 -13.21
CA LYS A 66 18.91 14.05 -13.97
C LYS A 66 20.24 13.59 -13.34
N PHE A 67 20.83 14.48 -12.55
CA PHE A 67 22.07 14.18 -11.90
C PHE A 67 21.83 13.05 -10.94
N GLN A 68 20.71 13.07 -10.25
CA GLN A 68 20.37 11.97 -9.37
C GLN A 68 20.07 10.74 -10.16
N GLU A 69 19.46 10.94 -11.31
CA GLU A 69 19.14 9.84 -12.17
C GLU A 69 20.45 9.27 -12.58
N PHE A 70 21.44 10.13 -12.75
CA PHE A 70 22.78 9.70 -13.15
C PHE A 70 23.39 8.83 -12.12
N GLN A 71 23.34 9.28 -10.89
CA GLN A 71 23.88 8.52 -9.81
C GLN A 71 23.09 7.30 -9.53
N ARG A 72 21.79 7.42 -9.61
CA ARG A 72 20.92 6.31 -9.35
C ARG A 72 21.16 5.23 -10.36
N GLU A 73 21.35 5.59 -11.61
CA GLU A 73 21.61 4.59 -12.63
C GLU A 73 22.89 3.91 -12.37
N VAL A 74 23.89 4.64 -11.93
CA VAL A 74 25.18 4.07 -11.65
C VAL A 74 25.18 3.11 -10.53
N PHE A 75 24.52 3.47 -9.46
CA PHE A 75 24.50 2.62 -8.33
C PHE A 75 23.85 1.31 -8.65
N ILE A 76 22.69 1.35 -9.26
CA ILE A 76 21.97 0.14 -9.63
C ILE A 76 22.64 -0.73 -10.65
N MET A 77 23.22 -0.15 -11.66
CA MET A 77 23.89 -0.90 -12.67
C MET A 77 25.10 -1.57 -12.12
N SER A 78 25.73 -0.94 -11.15
CA SER A 78 26.92 -1.45 -10.54
C SER A 78 26.76 -2.73 -9.81
N ASN A 79 25.65 -2.89 -9.12
CA ASN A 79 25.41 -4.09 -8.35
C ASN A 79 24.73 -5.21 -9.11
N LEU A 80 24.36 -5.01 -10.36
CA LEU A 80 23.71 -6.04 -11.15
C LEU A 80 24.57 -6.71 -12.19
N ASN A 81 24.26 -7.95 -12.50
CA ASN A 81 24.99 -8.70 -13.49
C ASN A 81 24.15 -9.74 -14.19
N HIS A 82 23.42 -9.36 -15.22
CA HIS A 82 22.62 -10.30 -15.93
C HIS A 82 22.83 -10.14 -17.39
N PRO A 83 22.67 -11.19 -18.16
CA PRO A 83 22.85 -11.09 -19.59
C PRO A 83 21.79 -10.25 -20.21
N ASN A 84 20.68 -10.21 -19.57
CA ASN A 84 19.55 -9.51 -20.09
C ASN A 84 19.41 -8.13 -19.54
N ILE A 85 20.45 -7.68 -18.91
CA ILE A 85 20.50 -6.37 -18.32
C ILE A 85 21.70 -5.68 -18.86
N VAL A 86 21.55 -4.40 -19.12
CA VAL A 86 22.61 -3.59 -19.63
C VAL A 86 23.70 -3.37 -18.60
N LYS A 87 24.95 -3.37 -19.03
CA LYS A 87 26.09 -3.25 -18.14
C LYS A 87 26.87 -1.96 -18.15
N LEU A 88 27.52 -1.69 -17.03
CA LEU A 88 28.31 -0.51 -16.86
C LEU A 88 29.76 -0.87 -16.70
N TYR A 89 30.65 -0.18 -17.38
CA TYR A 89 32.07 -0.47 -17.30
C TYR A 89 32.95 0.41 -16.42
N GLY A 90 32.73 1.71 -16.43
CA GLY A 90 33.54 2.62 -15.68
C GLY A 90 32.94 3.99 -15.65
N LEU A 91 33.63 4.91 -14.99
CA LEU A 91 33.19 6.28 -14.87
C LEU A 91 34.23 7.25 -15.34
N MET A 92 33.80 8.42 -15.77
CA MET A 92 34.67 9.47 -16.28
C MET A 92 34.29 10.69 -15.50
N HIS A 93 35.20 11.63 -15.27
CA HIS A 93 34.86 12.76 -14.43
C HIS A 93 34.68 14.20 -14.80
N ASN A 94 35.40 14.75 -15.74
CA ASN A 94 35.05 16.08 -16.06
C ASN A 94 34.84 16.05 -17.55
N PRO A 95 33.61 16.06 -17.98
CA PRO A 95 32.41 16.07 -17.15
C PRO A 95 32.08 14.73 -16.67
N PRO A 96 31.13 14.58 -15.78
CA PRO A 96 30.78 13.23 -15.34
C PRO A 96 30.19 12.41 -16.48
N ARG A 97 30.73 11.21 -16.62
CA ARG A 97 30.28 10.35 -17.67
C ARG A 97 30.34 8.90 -17.29
N MET A 98 29.56 8.11 -17.99
CA MET A 98 29.43 6.69 -17.81
C MET A 98 29.82 5.99 -19.07
N VAL A 99 30.59 4.92 -18.95
CA VAL A 99 31.01 4.17 -20.09
C VAL A 99 30.29 2.90 -19.88
N MET A 100 29.47 2.51 -20.84
CA MET A 100 28.67 1.32 -20.71
C MET A 100 28.53 0.63 -22.02
N GLU A 101 27.80 -0.47 -22.04
CA GLU A 101 27.65 -1.16 -23.29
C GLU A 101 26.75 -0.56 -24.30
N LEU A 102 27.16 -0.58 -25.55
CA LEU A 102 26.34 -0.05 -26.59
C LEU A 102 25.76 -1.27 -27.17
N VAL A 103 24.46 -1.38 -27.10
CA VAL A 103 23.83 -2.52 -27.66
C VAL A 103 23.80 -2.25 -29.12
N PRO A 104 24.22 -3.18 -29.91
CA PRO A 104 24.34 -3.01 -31.34
C PRO A 104 23.18 -2.79 -32.25
N CYS A 105 22.11 -3.49 -32.02
CA CYS A 105 20.97 -3.47 -32.89
C CYS A 105 19.87 -2.49 -32.68
N GLY A 106 19.95 -1.65 -31.69
CA GLY A 106 18.90 -0.69 -31.53
C GLY A 106 17.96 -0.88 -30.41
N ASP A 107 16.85 -0.19 -30.47
CA ASP A 107 15.85 -0.25 -29.45
C ASP A 107 14.63 -0.85 -30.04
N LEU A 108 13.84 -1.43 -29.19
CA LEU A 108 12.65 -2.07 -29.59
C LEU A 108 11.64 -1.18 -30.21
N TYR A 109 11.56 0.08 -29.82
CA TYR A 109 10.55 0.95 -30.34
C TYR A 109 10.67 1.18 -31.80
N HIS A 110 11.86 1.48 -32.25
CA HIS A 110 12.14 1.71 -33.63
C HIS A 110 12.02 0.54 -34.52
N ARG A 111 12.38 -0.62 -34.04
CA ARG A 111 12.34 -1.83 -34.81
C ARG A 111 10.93 -2.17 -35.16
N LEU A 112 10.03 -1.91 -34.25
CA LEU A 112 8.64 -2.23 -34.45
C LEU A 112 8.03 -1.30 -35.43
N LEU A 113 8.75 -0.28 -35.82
CA LEU A 113 8.28 0.71 -36.76
C LEU A 113 8.47 0.34 -38.20
N ASP A 114 9.21 -0.72 -38.44
CA ASP A 114 9.44 -1.24 -39.77
C ASP A 114 8.35 -2.27 -39.88
N LYS A 115 7.29 -1.95 -40.57
CA LYS A 115 6.20 -2.85 -40.72
C LYS A 115 6.34 -3.76 -41.90
N ALA A 116 7.17 -3.28 -42.80
CA ALA A 116 7.48 -3.94 -44.04
C ALA A 116 8.17 -5.19 -43.79
N HIS A 117 8.89 -5.23 -42.70
CA HIS A 117 9.67 -6.34 -42.34
C HIS A 117 9.30 -6.72 -40.98
N PRO A 118 8.46 -7.72 -40.83
CA PRO A 118 8.03 -8.19 -39.54
C PRO A 118 8.97 -9.12 -38.84
N ILE A 119 8.99 -9.03 -37.52
CA ILE A 119 9.83 -9.87 -36.72
C ILE A 119 9.26 -11.25 -36.68
N LYS A 120 10.12 -12.23 -36.74
CA LYS A 120 9.76 -13.62 -36.78
C LYS A 120 9.24 -14.10 -35.46
N TRP A 121 8.27 -14.97 -35.47
CA TRP A 121 7.67 -15.45 -34.29
C TRP A 121 8.62 -16.11 -33.40
N SER A 122 9.57 -16.83 -33.94
CA SER A 122 10.50 -17.47 -33.09
C SER A 122 11.21 -16.42 -32.33
N VAL A 123 11.55 -15.33 -33.00
CA VAL A 123 12.23 -14.17 -32.43
C VAL A 123 11.43 -13.35 -31.42
N LYS A 124 10.17 -13.12 -31.71
CA LYS A 124 9.30 -12.38 -30.83
C LYS A 124 9.23 -13.11 -29.55
N LEU A 125 9.20 -14.41 -29.61
CA LEU A 125 9.20 -15.24 -28.43
C LEU A 125 10.49 -15.13 -27.70
N ARG A 126 11.56 -14.97 -28.45
CA ARG A 126 12.86 -14.83 -27.87
C ARG A 126 12.94 -13.56 -27.13
N LEU A 127 12.41 -12.49 -27.70
CA LEU A 127 12.39 -11.17 -27.08
C LEU A 127 11.58 -11.12 -25.84
N MET A 128 10.44 -11.75 -25.85
CA MET A 128 9.60 -11.77 -24.69
C MET A 128 10.23 -12.46 -23.53
N LEU A 129 10.87 -13.58 -23.75
CA LEU A 129 11.52 -14.32 -22.71
C LEU A 129 12.70 -13.61 -22.13
N ASP A 130 13.45 -12.96 -22.97
CA ASP A 130 14.62 -12.29 -22.54
C ASP A 130 14.30 -11.19 -21.63
N ILE A 131 13.26 -10.47 -21.94
CA ILE A 131 12.81 -9.39 -21.11
C ILE A 131 12.35 -9.89 -19.78
N ALA A 132 11.62 -10.99 -19.75
CA ALA A 132 11.14 -11.59 -18.52
C ALA A 132 12.24 -12.07 -17.64
N LEU A 133 13.22 -12.68 -18.25
CA LEU A 133 14.35 -13.18 -17.52
C LEU A 133 15.08 -12.03 -16.91
N GLY A 134 15.17 -10.91 -17.60
CA GLY A 134 15.81 -9.75 -17.06
C GLY A 134 15.04 -9.18 -15.91
N ILE A 135 13.76 -8.99 -16.09
CA ILE A 135 12.85 -8.49 -15.06
C ILE A 135 12.70 -9.48 -13.93
N GLU A 136 12.75 -10.76 -14.20
CA GLU A 136 12.61 -11.73 -13.14
C GLU A 136 13.76 -11.55 -12.21
N TYR A 137 14.94 -11.34 -12.76
CA TYR A 137 16.15 -11.14 -12.03
C TYR A 137 16.10 -9.87 -11.23
N MET A 138 15.52 -8.84 -11.77
CA MET A 138 15.45 -7.58 -11.09
C MET A 138 14.65 -7.73 -9.84
N GLN A 139 13.60 -8.50 -9.90
CA GLN A 139 12.72 -8.66 -8.77
C GLN A 139 13.12 -9.68 -7.76
N ASN A 140 14.21 -10.36 -8.00
CA ASN A 140 14.70 -11.36 -7.10
C ASN A 140 15.75 -10.79 -6.18
N GLN A 141 15.93 -9.50 -6.26
CA GLN A 141 16.88 -8.81 -5.47
C GLN A 141 16.25 -8.39 -4.19
N ASN A 142 17.04 -8.40 -3.12
CA ASN A 142 16.57 -7.98 -1.84
C ASN A 142 17.29 -6.67 -1.66
N PRO A 143 16.60 -5.56 -1.73
CA PRO A 143 15.19 -5.48 -2.04
C PRO A 143 15.02 -5.54 -3.53
N PRO A 144 13.83 -5.70 -4.05
CA PRO A 144 13.64 -5.77 -5.49
C PRO A 144 13.90 -4.49 -6.20
N ILE A 145 14.10 -4.57 -7.49
CA ILE A 145 14.37 -3.42 -8.32
C ILE A 145 13.17 -3.05 -9.11
N VAL A 146 12.71 -1.82 -8.97
CA VAL A 146 11.58 -1.34 -9.71
C VAL A 146 12.11 -0.39 -10.76
N HIS A 147 12.01 -0.73 -12.03
CA HIS A 147 12.50 0.09 -13.10
C HIS A 147 11.75 1.36 -13.26
N ARG A 148 10.45 1.24 -13.34
CA ARG A 148 9.59 2.37 -13.41
C ARG A 148 9.48 3.14 -14.69
N ASP A 149 10.22 2.77 -15.71
CA ASP A 149 10.23 3.47 -16.98
C ASP A 149 10.35 2.43 -18.07
N LEU A 150 9.59 1.35 -17.95
CA LEU A 150 9.63 0.22 -18.87
C LEU A 150 8.64 0.35 -19.98
N ARG A 151 9.15 0.51 -21.18
CA ARG A 151 8.37 0.72 -22.35
C ARG A 151 9.28 0.28 -23.40
N SER A 152 8.86 0.27 -24.66
CA SER A 152 9.73 -0.19 -25.72
C SER A 152 11.00 0.60 -25.96
N PRO A 153 11.03 1.91 -25.77
CA PRO A 153 12.24 2.65 -26.02
C PRO A 153 13.35 2.22 -25.14
N ASN A 154 13.03 1.61 -24.02
CA ASN A 154 14.00 1.17 -23.06
C ASN A 154 14.45 -0.26 -23.19
N ILE A 155 13.96 -0.99 -24.18
CA ILE A 155 14.35 -2.34 -24.39
C ILE A 155 15.28 -2.31 -25.56
N LEU A 156 16.52 -2.66 -25.33
CA LEU A 156 17.54 -2.65 -26.34
C LEU A 156 17.76 -4.00 -26.98
N LEU A 157 18.01 -4.02 -28.27
CA LEU A 157 18.18 -5.25 -28.98
C LEU A 157 19.60 -5.54 -29.35
N GLN A 158 20.06 -6.71 -28.98
CA GLN A 158 21.38 -7.14 -29.27
C GLN A 158 21.47 -8.00 -30.51
N SER A 159 20.54 -8.91 -30.65
CA SER A 159 20.47 -9.74 -31.83
C SER A 159 19.06 -9.95 -32.14
N LEU A 160 18.73 -10.05 -33.39
CA LEU A 160 17.39 -10.35 -33.80
C LEU A 160 17.37 -11.74 -34.37
N ASP A 161 18.35 -12.52 -33.98
CA ASP A 161 18.56 -13.87 -34.39
C ASP A 161 18.10 -14.70 -33.29
N GLU A 162 17.32 -15.69 -33.62
CA GLU A 162 16.73 -16.61 -32.69
C GLU A 162 17.70 -17.47 -31.94
N ASN A 163 18.83 -17.76 -32.53
CA ASN A 163 19.78 -18.64 -31.89
C ASN A 163 20.85 -18.00 -31.08
N ALA A 164 20.80 -16.70 -31.00
CA ALA A 164 21.73 -15.91 -30.27
C ALA A 164 21.57 -16.09 -28.79
N PRO A 165 22.65 -15.98 -28.04
CA PRO A 165 22.54 -16.14 -26.61
C PRO A 165 21.67 -15.10 -25.98
N VAL A 166 21.80 -13.87 -26.38
CA VAL A 166 20.99 -12.83 -25.83
C VAL A 166 20.50 -12.07 -26.99
N CYS A 167 19.21 -11.76 -26.96
CA CYS A 167 18.54 -11.01 -27.99
C CYS A 167 18.13 -9.65 -27.50
N ALA A 168 17.64 -9.58 -26.28
CA ALA A 168 17.16 -8.35 -25.66
C ALA A 168 17.76 -8.04 -24.32
N LYS A 169 17.97 -6.77 -24.02
CA LYS A 169 18.53 -6.32 -22.75
C LYS A 169 17.73 -5.20 -22.16
N VAL A 170 17.56 -5.14 -20.85
CA VAL A 170 16.82 -4.06 -20.21
C VAL A 170 17.71 -2.89 -19.91
N ALA A 171 17.18 -1.68 -19.98
CA ALA A 171 17.98 -0.51 -19.79
C ALA A 171 17.30 0.63 -19.13
N ASP A 172 18.02 1.72 -19.01
CA ASP A 172 17.61 2.95 -18.34
C ASP A 172 17.23 3.19 -16.91
N PHE A 173 18.17 2.80 -16.07
CA PHE A 173 18.06 2.62 -14.66
C PHE A 173 18.05 3.77 -13.68
N GLY A 174 17.70 4.96 -14.14
CA GLY A 174 17.59 6.05 -13.23
C GLY A 174 16.18 5.71 -12.94
N LEU A 175 15.82 5.43 -11.72
CA LEU A 175 14.47 4.98 -11.46
C LEU A 175 13.41 6.05 -11.35
N SER A 176 13.12 6.69 -12.46
CA SER A 176 12.14 7.75 -12.51
C SER A 176 11.13 7.49 -13.57
N GLN A 177 9.94 8.04 -13.44
CA GLN A 177 8.92 7.85 -14.45
C GLN A 177 8.58 9.08 -15.28
N GLN A 178 7.96 10.05 -14.65
CA GLN A 178 7.57 11.27 -15.34
C GLN A 178 6.34 11.10 -16.22
N LEU A 187 7.77 6.96 -27.16
CA LEU A 187 6.51 6.66 -26.49
C LEU A 187 6.70 6.63 -25.00
N GLY A 188 6.33 7.65 -24.25
CA GLY A 188 6.49 7.54 -22.82
C GLY A 188 5.45 7.92 -21.80
N ASN A 189 4.37 8.56 -22.22
CA ASN A 189 3.43 9.09 -21.24
C ASN A 189 2.67 7.88 -20.73
N PHE A 190 1.59 7.97 -19.96
CA PHE A 190 0.94 6.75 -19.46
C PHE A 190 0.28 5.52 -19.91
N GLN A 191 0.39 5.30 -21.19
CA GLN A 191 -0.06 4.07 -21.80
C GLN A 191 0.64 2.88 -21.21
N TRP A 192 1.84 3.11 -20.72
CA TRP A 192 2.70 2.12 -20.13
C TRP A 192 2.64 1.99 -18.67
N MET A 193 1.92 2.85 -17.98
CA MET A 193 1.89 2.81 -16.54
C MET A 193 0.76 2.10 -15.86
N ALA A 194 1.09 1.35 -14.85
CA ALA A 194 0.12 0.65 -14.09
C ALA A 194 -0.76 1.66 -13.45
N PRO A 195 -1.99 1.35 -13.20
CA PRO A 195 -2.93 2.32 -12.66
C PRO A 195 -2.68 2.95 -11.32
N GLU A 196 -2.23 2.25 -10.32
CA GLU A 196 -1.99 2.86 -9.03
C GLU A 196 -0.93 3.89 -9.14
N THR A 197 -0.11 3.71 -10.13
CA THR A 197 1.00 4.56 -10.43
C THR A 197 0.69 5.93 -10.94
N ILE A 198 -0.35 6.10 -11.72
CA ILE A 198 -0.62 7.39 -12.28
C ILE A 198 -0.97 8.37 -11.20
N GLY A 199 -0.27 9.49 -11.21
CA GLY A 199 -0.47 10.50 -10.21
C GLY A 199 -0.12 9.98 -8.85
N ALA A 200 1.02 9.33 -8.77
CA ALA A 200 1.50 8.83 -7.52
C ALA A 200 2.99 8.83 -7.50
N GLU A 201 3.55 8.75 -6.32
CA GLU A 201 4.99 8.71 -6.14
C GLU A 201 5.18 7.55 -5.19
N GLU A 202 6.19 6.72 -5.46
CA GLU A 202 6.51 5.54 -4.63
C GLU A 202 5.31 4.90 -3.96
N TYR A 205 4.08 2.41 -6.75
CA TYR A 205 5.28 1.99 -7.42
C TYR A 205 5.94 0.87 -6.69
N THR A 206 5.24 -0.26 -6.69
CA THR A 206 5.69 -1.48 -6.12
C THR A 206 6.31 -2.09 -7.29
N GLU A 207 6.60 -3.36 -7.21
CA GLU A 207 7.22 -4.03 -8.32
C GLU A 207 6.20 -4.53 -9.26
N LYS A 208 4.96 -4.44 -8.89
CA LYS A 208 3.90 -4.93 -9.71
C LYS A 208 3.56 -3.95 -10.77
N ALA A 209 4.13 -2.77 -10.67
CA ALA A 209 3.95 -1.76 -11.67
C ALA A 209 4.64 -2.27 -12.87
N ASP A 210 5.82 -2.78 -12.67
CA ASP A 210 6.62 -3.31 -13.71
C ASP A 210 5.98 -4.46 -14.36
N THR A 211 5.27 -5.27 -13.62
CA THR A 211 4.61 -6.39 -14.20
C THR A 211 3.58 -5.86 -15.14
N TYR A 212 2.90 -4.80 -14.80
CA TYR A 212 1.89 -4.22 -15.67
C TYR A 212 2.49 -3.71 -16.94
N SER A 213 3.64 -3.08 -16.84
CA SER A 213 4.39 -2.56 -17.96
C SER A 213 4.87 -3.63 -18.91
N PHE A 214 5.28 -4.74 -18.35
CA PHE A 214 5.76 -5.87 -19.08
C PHE A 214 4.66 -6.41 -19.93
N ALA A 215 3.44 -6.35 -19.48
CA ALA A 215 2.30 -6.82 -20.24
C ALA A 215 2.10 -6.00 -21.44
N MET A 216 2.34 -4.71 -21.29
CA MET A 216 2.23 -3.74 -22.34
C MET A 216 3.30 -4.00 -23.35
N ILE A 217 4.47 -4.34 -22.89
CA ILE A 217 5.56 -4.68 -23.76
C ILE A 217 5.29 -5.95 -24.52
N LEU A 218 4.70 -6.93 -23.89
CA LEU A 218 4.35 -8.16 -24.55
C LEU A 218 3.36 -7.91 -25.63
N TYR A 219 2.41 -7.02 -25.35
CA TYR A 219 1.37 -6.61 -26.27
C TYR A 219 1.99 -5.95 -27.45
N THR A 220 2.95 -5.09 -27.25
CA THR A 220 3.60 -4.41 -28.34
C THR A 220 4.48 -5.30 -29.24
N ILE A 221 5.20 -6.22 -28.68
CA ILE A 221 6.00 -7.10 -29.46
C ILE A 221 5.09 -7.94 -30.31
N LEU A 222 4.02 -8.44 -29.75
CA LEU A 222 3.04 -9.26 -30.46
C LEU A 222 2.25 -8.62 -31.56
N THR A 223 1.76 -7.43 -31.31
CA THR A 223 0.98 -6.68 -32.24
C THR A 223 1.77 -5.78 -33.11
N GLY A 224 2.82 -5.21 -32.56
CA GLY A 224 3.66 -4.28 -33.26
C GLY A 224 3.09 -2.90 -33.19
N GLU A 225 1.95 -2.78 -32.57
CA GLU A 225 1.26 -1.55 -32.43
C GLU A 225 1.41 -1.11 -31.02
N GLY A 226 1.53 0.18 -30.80
CA GLY A 226 1.74 0.74 -29.49
C GLY A 226 0.55 0.52 -28.66
N PRO A 227 0.71 0.45 -27.35
CA PRO A 227 -0.43 0.19 -26.48
C PRO A 227 -1.42 1.30 -26.34
N PHE A 228 -2.69 0.96 -26.46
CA PHE A 228 -3.72 1.92 -26.27
C PHE A 228 -3.90 2.87 -27.41
N ASP A 229 -3.32 2.58 -28.54
CA ASP A 229 -3.39 3.45 -29.68
C ASP A 229 -4.67 3.30 -30.41
N GLU A 230 -5.50 2.41 -29.95
CA GLU A 230 -6.76 2.21 -30.58
C GLU A 230 -7.81 3.08 -30.01
N TYR A 231 -7.42 3.91 -29.07
CA TYR A 231 -8.30 4.83 -28.39
C TYR A 231 -7.84 6.26 -28.38
N SER A 232 -8.75 7.20 -28.43
CA SER A 232 -8.42 8.59 -28.33
C SER A 232 -9.33 9.13 -27.30
N TYR A 233 -8.80 9.51 -26.15
CA TYR A 233 -9.60 10.05 -25.10
C TYR A 233 -8.75 11.19 -24.65
N GLY A 234 -9.33 12.11 -23.93
CA GLY A 234 -8.65 13.27 -23.42
C GLY A 234 -7.86 12.71 -22.29
N LYS A 235 -6.92 13.42 -21.73
CA LYS A 235 -6.11 12.84 -20.70
C LYS A 235 -6.83 12.44 -19.47
N ILE A 236 -7.70 13.28 -18.98
CA ILE A 236 -8.45 12.98 -17.78
C ILE A 236 -9.36 11.79 -17.98
N LYS A 237 -10.01 11.72 -19.11
CA LYS A 237 -10.88 10.62 -19.39
C LYS A 237 -10.12 9.36 -19.52
N PHE A 238 -8.97 9.43 -20.12
CA PHE A 238 -8.14 8.29 -20.34
C PHE A 238 -7.64 7.64 -19.08
N ILE A 239 -7.24 8.43 -18.12
CA ILE A 239 -6.78 7.89 -16.88
C ILE A 239 -7.88 7.17 -16.17
N ASN A 240 -9.03 7.77 -16.16
CA ASN A 240 -10.22 7.23 -15.54
C ASN A 240 -10.68 5.94 -16.17
N MET A 241 -10.54 5.86 -17.48
CA MET A 241 -10.92 4.69 -18.20
C MET A 241 -10.04 3.56 -17.80
N ILE A 242 -8.76 3.81 -17.71
CA ILE A 242 -7.83 2.82 -17.27
C ILE A 242 -7.96 2.53 -15.80
N ARG A 243 -7.97 3.54 -14.96
CA ARG A 243 -8.11 3.30 -13.54
C ARG A 243 -9.44 2.75 -13.10
N GLU A 244 -10.50 3.42 -13.49
CA GLU A 244 -11.83 3.06 -13.11
C GLU A 244 -12.62 2.06 -13.95
N GLU A 245 -12.46 2.09 -15.25
CA GLU A 245 -13.21 1.21 -16.10
C GLU A 245 -12.51 -0.04 -16.54
N GLY A 246 -11.20 -0.08 -16.51
CA GLY A 246 -10.48 -1.26 -16.89
C GLY A 246 -10.07 -1.38 -18.31
N LEU A 247 -10.09 -0.28 -19.02
CA LEU A 247 -9.75 -0.29 -20.41
C LEU A 247 -8.37 -0.76 -20.60
N ARG A 248 -8.22 -1.60 -21.59
CA ARG A 248 -6.94 -2.15 -21.96
C ARG A 248 -6.92 -2.35 -23.45
N PRO A 249 -5.79 -2.66 -24.00
CA PRO A 249 -5.68 -2.93 -25.41
C PRO A 249 -6.38 -4.20 -25.79
N THR A 250 -6.74 -4.34 -27.04
CA THR A 250 -7.43 -5.52 -27.48
C THR A 250 -6.45 -6.50 -28.05
N ILE A 251 -6.42 -7.67 -27.46
CA ILE A 251 -5.54 -8.68 -27.92
C ILE A 251 -6.18 -9.35 -29.08
N PRO A 252 -5.38 -9.71 -30.07
CA PRO A 252 -5.83 -10.36 -31.29
C PRO A 252 -6.38 -11.75 -31.17
N GLU A 253 -7.34 -12.04 -32.00
CA GLU A 253 -8.00 -13.31 -31.96
C GLU A 253 -7.00 -14.38 -32.18
N ASP A 254 -6.04 -14.14 -33.05
CA ASP A 254 -5.04 -15.12 -33.32
C ASP A 254 -3.87 -15.00 -32.42
N CYS A 255 -4.12 -15.01 -31.13
CA CYS A 255 -3.06 -14.93 -30.20
C CYS A 255 -3.22 -16.15 -29.40
N PRO A 256 -2.11 -16.78 -29.11
CA PRO A 256 -2.11 -18.00 -28.36
C PRO A 256 -2.73 -17.83 -27.02
N PRO A 257 -3.52 -18.78 -26.60
CA PRO A 257 -4.17 -18.67 -25.33
C PRO A 257 -3.19 -18.58 -24.20
N ARG A 258 -2.10 -19.30 -24.31
CA ARG A 258 -1.13 -19.28 -23.27
C ARG A 258 -0.57 -17.92 -23.10
N LEU A 259 -0.25 -17.27 -24.20
CA LEU A 259 0.26 -15.93 -24.17
C LEU A 259 -0.73 -14.92 -23.75
N ARG A 260 -1.96 -15.08 -24.17
CA ARG A 260 -2.98 -14.14 -23.83
C ARG A 260 -3.27 -14.15 -22.39
N ASN A 261 -3.35 -15.32 -21.82
CA ASN A 261 -3.68 -15.44 -20.45
C ASN A 261 -2.68 -14.75 -19.63
N VAL A 262 -1.42 -14.85 -20.01
CA VAL A 262 -0.34 -14.24 -19.29
C VAL A 262 -0.42 -12.76 -19.28
N ILE A 263 -0.67 -12.19 -20.45
CA ILE A 263 -0.75 -10.77 -20.65
C ILE A 263 -1.87 -10.22 -19.85
N GLU A 264 -2.99 -10.88 -19.88
CA GLU A 264 -4.16 -10.46 -19.16
C GLU A 264 -3.95 -10.39 -17.69
N LEU A 265 -3.21 -11.32 -17.13
CA LEU A 265 -2.96 -11.31 -15.71
C LEU A 265 -2.07 -10.22 -15.23
N CYS A 266 -1.00 -9.98 -15.95
CA CYS A 266 -0.02 -8.98 -15.61
C CYS A 266 -0.55 -7.59 -15.70
N TRP A 267 -1.61 -7.42 -16.42
CA TRP A 267 -2.16 -6.14 -16.60
C TRP A 267 -3.43 -5.90 -15.93
N SER A 268 -3.65 -6.60 -14.85
CA SER A 268 -4.83 -6.47 -14.05
C SER A 268 -4.81 -5.26 -13.16
N GLY A 269 -5.99 -4.80 -12.83
CA GLY A 269 -6.17 -3.66 -11.97
C GLY A 269 -5.69 -3.88 -10.59
N ASP A 270 -5.84 -5.09 -10.10
CA ASP A 270 -5.40 -5.38 -8.76
C ASP A 270 -4.00 -5.82 -8.86
N PRO A 271 -3.11 -5.09 -8.25
CA PRO A 271 -1.71 -5.44 -8.32
C PRO A 271 -1.40 -6.80 -7.79
N LYS A 272 -2.14 -7.27 -6.81
CA LYS A 272 -1.94 -8.55 -6.22
C LYS A 272 -2.14 -9.69 -7.17
N LYS A 273 -3.07 -9.58 -8.09
CA LYS A 273 -3.35 -10.64 -9.02
C LYS A 273 -2.32 -10.83 -10.11
N ARG A 274 -1.36 -9.94 -10.19
CA ARG A 274 -0.31 -9.97 -11.16
C ARG A 274 0.68 -11.02 -10.77
N PRO A 275 1.16 -11.80 -11.70
CA PRO A 275 2.06 -12.91 -11.40
C PRO A 275 3.50 -12.69 -11.00
N HIS A 276 4.12 -13.77 -10.55
CA HIS A 276 5.50 -13.74 -10.17
C HIS A 276 6.12 -14.00 -11.46
N PHE A 277 7.36 -13.58 -11.64
CA PHE A 277 8.04 -13.79 -12.90
C PHE A 277 8.45 -15.18 -13.19
N SER A 278 8.42 -16.01 -12.18
CA SER A 278 8.70 -17.39 -12.30
C SER A 278 7.62 -17.98 -13.13
N TYR A 279 6.40 -17.60 -12.86
CA TYR A 279 5.30 -18.08 -13.61
C TYR A 279 5.30 -17.59 -15.04
N ILE A 280 5.57 -16.32 -15.22
CA ILE A 280 5.54 -15.75 -16.52
C ILE A 280 6.58 -16.37 -17.40
N VAL A 281 7.77 -16.55 -16.87
CA VAL A 281 8.81 -17.14 -17.64
C VAL A 281 8.54 -18.55 -18.04
N LYS A 282 8.01 -19.35 -17.14
CA LYS A 282 7.75 -20.73 -17.45
C LYS A 282 6.71 -20.86 -18.51
N GLU A 283 5.67 -20.06 -18.42
CA GLU A 283 4.62 -20.08 -19.38
C GLU A 283 5.06 -19.66 -20.73
N LEU A 284 5.92 -18.69 -20.77
CA LEU A 284 6.45 -18.20 -22.01
C LEU A 284 7.30 -19.20 -22.66
N SER A 285 7.97 -20.01 -21.88
CA SER A 285 8.85 -21.05 -22.39
C SER A 285 8.10 -22.15 -23.09
N GLU A 286 6.88 -22.36 -22.70
CA GLU A 286 6.07 -23.37 -23.31
C GLU A 286 5.52 -22.94 -24.62
N LEU A 287 5.40 -21.65 -24.82
CA LEU A 287 4.90 -21.11 -26.06
C LEU A 287 5.81 -21.63 -27.15
N ARG B 12 -8.61 12.90 43.60
CA ARG B 12 -9.67 13.62 42.90
C ARG B 12 -10.72 12.74 42.27
N LEU B 13 -10.77 11.46 42.60
CA LEU B 13 -11.76 10.56 42.00
C LEU B 13 -12.50 9.97 43.12
N PRO B 14 -13.79 10.24 43.22
CA PRO B 14 -14.43 9.70 44.41
C PRO B 14 -14.31 8.25 44.68
N THR B 15 -14.29 7.87 45.93
CA THR B 15 -14.22 6.48 46.28
C THR B 15 -15.58 6.22 46.81
N LEU B 16 -16.11 5.04 46.52
CA LEU B 16 -17.44 4.66 46.91
C LEU B 16 -17.50 3.42 47.77
N ALA B 17 -18.25 3.50 48.84
CA ALA B 17 -18.37 2.43 49.78
C ALA B 17 -19.06 1.30 49.14
N ASP B 18 -18.86 0.12 49.65
CA ASP B 18 -19.47 -1.06 49.10
C ASP B 18 -20.98 -0.95 49.14
N ASN B 19 -21.52 -0.39 50.20
CA ASN B 19 -22.96 -0.26 50.32
C ASN B 19 -23.55 0.69 49.33
N GLU B 20 -22.72 1.53 48.76
CA GLU B 20 -23.18 2.52 47.82
C GLU B 20 -23.77 1.96 46.52
N ILE B 21 -23.42 0.74 46.13
CA ILE B 21 -23.97 0.20 44.90
C ILE B 21 -24.54 -1.22 44.95
N GLU B 22 -25.39 -1.51 43.96
CA GLU B 22 -26.06 -2.78 43.79
C GLU B 22 -25.61 -3.46 42.53
N TYR B 23 -25.29 -4.73 42.60
CA TYR B 23 -24.88 -5.43 41.42
C TYR B 23 -26.12 -6.04 40.83
N GLU B 24 -26.41 -5.68 39.59
CA GLU B 24 -27.59 -6.15 38.89
C GLU B 24 -27.40 -7.31 37.94
N LYS B 25 -26.33 -7.34 37.19
CA LYS B 25 -26.14 -8.42 36.27
C LYS B 25 -24.77 -8.37 35.70
N GLN B 26 -24.37 -9.40 34.99
CA GLN B 26 -23.07 -9.38 34.41
C GLN B 26 -23.19 -9.29 32.92
N ILE B 27 -22.51 -8.32 32.37
CA ILE B 27 -22.47 -8.10 30.95
C ILE B 27 -21.04 -8.11 30.47
N GLY B 28 -20.13 -8.02 31.41
CA GLY B 28 -18.73 -7.80 31.15
C GLY B 28 -17.87 -8.57 30.25
N LYS B 29 -17.40 -7.89 29.27
CA LYS B 29 -16.43 -8.39 28.29
C LYS B 29 -15.21 -8.13 29.07
N GLY B 30 -15.16 -6.87 29.43
CA GLY B 30 -14.30 -6.19 30.28
C GLY B 30 -13.96 -5.55 29.03
N GLY B 31 -13.14 -4.64 29.30
CA GLY B 31 -12.16 -3.97 28.48
C GLY B 31 -10.96 -4.84 28.73
N PHE B 32 -10.43 -4.73 29.92
CA PHE B 32 -9.35 -5.57 30.34
C PHE B 32 -9.95 -6.52 31.36
N GLY B 33 -10.98 -6.06 32.03
CA GLY B 33 -11.62 -6.83 33.06
C GLY B 33 -12.99 -7.31 32.76
N LEU B 34 -13.81 -7.31 33.80
CA LEU B 34 -15.17 -7.75 33.71
C LEU B 34 -16.07 -6.64 34.07
N VAL B 35 -17.16 -6.52 33.35
CA VAL B 35 -18.15 -5.49 33.59
C VAL B 35 -19.45 -6.08 34.05
N HIS B 36 -20.05 -5.46 35.03
CA HIS B 36 -21.27 -5.88 35.59
C HIS B 36 -22.08 -4.69 35.50
N LYS B 37 -23.37 -4.86 35.31
CA LYS B 37 -24.29 -3.76 35.25
C LYS B 37 -24.72 -3.68 36.67
N GLY B 38 -24.92 -2.50 37.19
CA GLY B 38 -25.30 -2.35 38.56
C GLY B 38 -25.97 -1.04 38.65
N ARG B 39 -26.25 -0.57 39.85
CA ARG B 39 -26.86 0.72 39.98
C ARG B 39 -26.51 1.28 41.29
N LEU B 40 -26.67 2.58 41.38
CA LEU B 40 -26.42 3.35 42.55
C LEU B 40 -27.62 3.30 43.44
N VAL B 41 -27.42 3.06 44.72
CA VAL B 41 -28.49 3.01 45.68
C VAL B 41 -29.28 4.26 46.04
N LYS B 42 -28.66 5.41 46.10
CA LYS B 42 -29.44 6.59 46.44
C LYS B 42 -30.48 6.91 45.39
N ASP B 43 -30.08 6.88 44.14
CA ASP B 43 -30.97 7.09 43.02
C ASP B 43 -30.58 5.86 42.32
N LYS B 44 -31.52 5.14 41.78
CA LYS B 44 -31.12 3.92 41.16
C LYS B 44 -30.62 4.13 39.77
N SER B 45 -29.63 4.98 39.64
CA SER B 45 -29.01 5.26 38.38
C SER B 45 -28.35 3.99 38.01
N VAL B 46 -28.35 3.66 36.73
CA VAL B 46 -27.72 2.45 36.26
C VAL B 46 -26.28 2.82 36.09
N VAL B 47 -25.40 1.89 36.38
CA VAL B 47 -24.00 2.17 36.31
C VAL B 47 -23.26 0.91 35.89
N ALA B 48 -21.97 1.01 35.63
CA ALA B 48 -21.18 -0.15 35.23
C ALA B 48 -20.05 -0.33 36.19
N ILE B 49 -19.77 -1.56 36.60
CA ILE B 49 -18.69 -1.79 37.53
C ILE B 49 -17.68 -2.68 36.87
N LYS B 50 -16.45 -2.24 36.78
CA LYS B 50 -15.41 -3.00 36.14
C LYS B 50 -14.42 -3.51 37.15
N SER B 51 -14.08 -4.77 37.01
CA SER B 51 -13.18 -5.42 37.89
C SER B 51 -12.20 -6.18 37.13
N LEU B 52 -11.15 -6.52 37.82
CA LEU B 52 -10.05 -7.27 37.31
C LEU B 52 -10.37 -8.73 37.43
N ILE B 53 -9.87 -9.55 36.53
CA ILE B 53 -10.14 -10.96 36.64
C ILE B 53 -8.90 -11.83 36.44
N LEU B 54 -8.42 -12.43 37.51
CA LEU B 54 -7.26 -13.29 37.46
C LEU B 54 -7.61 -14.68 37.94
N GLY B 59 -1.64 -17.24 35.19
CA GLY B 59 -1.12 -15.92 34.93
C GLY B 59 0.12 -15.70 35.75
N GLU B 60 1.19 -15.26 35.10
CA GLU B 60 2.45 -15.00 35.75
C GLU B 60 3.22 -13.71 35.91
N THR B 61 3.45 -13.05 34.79
CA THR B 61 4.18 -11.79 34.74
C THR B 61 3.06 -10.97 34.10
N GLU B 62 1.96 -11.64 33.78
CA GLU B 62 0.77 -11.07 33.20
C GLU B 62 -0.21 -10.46 34.18
N MET B 63 -0.29 -11.01 35.37
CA MET B 63 -1.21 -10.52 36.34
C MET B 63 -0.86 -9.09 36.56
N ILE B 64 0.43 -8.79 36.63
CA ILE B 64 0.83 -7.44 36.82
C ILE B 64 0.40 -6.56 35.67
N GLU B 65 0.40 -7.11 34.48
CA GLU B 65 0.01 -6.36 33.31
C GLU B 65 -1.43 -5.95 33.36
N LYS B 66 -2.32 -6.84 33.74
CA LYS B 66 -3.71 -6.50 33.83
C LYS B 66 -3.97 -5.47 34.87
N PHE B 67 -3.27 -5.55 35.98
CA PHE B 67 -3.42 -4.59 37.05
C PHE B 67 -2.90 -3.24 36.65
N GLN B 68 -1.92 -3.22 35.78
CA GLN B 68 -1.34 -1.99 35.30
C GLN B 68 -2.28 -1.24 34.42
N GLU B 69 -3.03 -1.98 33.64
CA GLU B 69 -4.04 -1.49 32.72
C GLU B 69 -5.14 -0.81 33.45
N PHE B 70 -5.48 -1.33 34.60
CA PHE B 70 -6.51 -0.79 35.43
C PHE B 70 -6.11 0.58 35.88
N GLN B 71 -4.89 0.69 36.32
CA GLN B 71 -4.40 1.95 36.78
C GLN B 71 -4.36 2.89 35.66
N ARG B 72 -3.98 2.39 34.50
CA ARG B 72 -3.87 3.20 33.31
C ARG B 72 -5.16 3.71 32.81
N GLU B 73 -6.19 2.88 32.81
CA GLU B 73 -7.50 3.29 32.36
C GLU B 73 -7.99 4.31 33.28
N VAL B 74 -7.71 4.13 34.54
CA VAL B 74 -8.12 5.08 35.52
C VAL B 74 -7.43 6.40 35.35
N PHE B 75 -6.15 6.38 35.00
CA PHE B 75 -5.46 7.63 34.82
C PHE B 75 -5.98 8.39 33.66
N ILE B 76 -6.05 7.77 32.52
CA ILE B 76 -6.53 8.41 31.33
C ILE B 76 -7.96 8.85 31.38
N MET B 77 -8.82 8.06 31.98
CA MET B 77 -10.23 8.39 32.04
C MET B 77 -10.53 9.61 32.85
N SER B 78 -9.87 9.77 33.94
CA SER B 78 -10.11 10.90 34.77
C SER B 78 -9.75 12.19 34.09
N ASN B 79 -8.64 12.24 33.41
CA ASN B 79 -8.23 13.42 32.68
C ASN B 79 -9.03 13.82 31.48
N LEU B 80 -9.55 12.83 30.74
CA LEU B 80 -10.31 13.08 29.54
C LEU B 80 -11.74 13.40 29.79
N ASN B 81 -12.23 14.38 29.05
CA ASN B 81 -13.59 14.74 29.12
C ASN B 81 -14.01 15.06 27.74
N HIS B 82 -14.80 14.20 27.13
CA HIS B 82 -15.34 14.41 25.82
C HIS B 82 -16.60 13.65 25.75
N PRO B 83 -17.53 14.06 24.91
CA PRO B 83 -18.79 13.38 24.76
C PRO B 83 -18.68 12.02 24.19
N ASN B 84 -17.65 11.76 23.42
CA ASN B 84 -17.45 10.50 22.76
C ASN B 84 -16.44 9.60 23.39
N ILE B 85 -16.14 9.86 24.64
CA ILE B 85 -15.22 9.11 25.39
C ILE B 85 -15.99 8.71 26.61
N VAL B 86 -15.89 7.46 26.98
CA VAL B 86 -16.57 6.93 28.14
C VAL B 86 -16.05 7.62 29.36
N LYS B 87 -16.89 7.80 30.36
CA LYS B 87 -16.53 8.48 31.58
C LYS B 87 -16.40 7.59 32.78
N LEU B 88 -15.62 8.03 33.75
CA LEU B 88 -15.39 7.34 34.98
C LEU B 88 -16.11 8.01 36.12
N TYR B 89 -16.84 7.26 36.89
CA TYR B 89 -17.58 7.82 37.99
C TYR B 89 -16.99 7.74 39.41
N GLY B 90 -16.32 6.65 39.74
CA GLY B 90 -15.79 6.48 41.06
C GLY B 90 -14.90 5.30 41.16
N LEU B 91 -14.38 5.04 42.33
CA LEU B 91 -13.51 3.91 42.53
C LEU B 91 -14.03 3.10 43.66
N MET B 92 -13.69 1.83 43.70
CA MET B 92 -14.14 0.96 44.74
C MET B 92 -12.98 0.08 45.13
N HIS B 93 -13.00 -0.45 46.34
CA HIS B 93 -11.90 -1.26 46.79
C HIS B 93 -12.35 -2.46 47.49
N ASN B 94 -11.47 -3.42 47.60
CA ASN B 94 -11.81 -4.63 48.26
C ASN B 94 -12.97 -5.32 47.58
N PRO B 95 -12.83 -5.61 46.29
CA PRO B 95 -11.64 -5.35 45.51
C PRO B 95 -11.63 -4.07 44.75
N PRO B 96 -10.62 -3.85 43.95
CA PRO B 96 -10.57 -2.63 43.17
C PRO B 96 -11.53 -2.76 42.07
N ARG B 97 -12.40 -1.79 41.94
CA ARG B 97 -13.39 -1.79 40.92
C ARG B 97 -13.51 -0.37 40.49
N MET B 98 -14.05 -0.17 39.31
CA MET B 98 -14.24 1.15 38.77
C MET B 98 -15.70 1.32 38.60
N VAL B 99 -16.20 2.51 38.81
CA VAL B 99 -17.60 2.76 38.60
C VAL B 99 -17.63 3.70 37.44
N MET B 100 -18.17 3.23 36.34
CA MET B 100 -18.18 3.94 35.10
C MET B 100 -19.52 3.96 34.44
N GLU B 101 -19.61 4.72 33.38
CA GLU B 101 -20.84 4.79 32.65
C GLU B 101 -21.15 3.56 31.89
N LEU B 102 -22.39 3.15 31.91
CA LEU B 102 -22.81 1.99 31.20
C LEU B 102 -23.46 2.51 29.99
N VAL B 103 -22.99 2.13 28.83
CA VAL B 103 -23.57 2.61 27.62
C VAL B 103 -24.67 1.63 27.31
N PRO B 104 -25.88 2.12 27.32
CA PRO B 104 -27.10 1.37 27.18
C PRO B 104 -27.42 0.65 25.94
N CYS B 105 -26.81 0.98 24.82
CA CYS B 105 -27.18 0.33 23.59
C CYS B 105 -26.23 -0.71 23.06
N GLY B 106 -25.29 -1.12 23.88
CA GLY B 106 -24.36 -2.14 23.47
C GLY B 106 -23.07 -1.73 22.86
N ASP B 107 -22.50 -2.63 22.10
CA ASP B 107 -21.26 -2.40 21.46
C ASP B 107 -21.51 -2.58 20.01
N LEU B 108 -20.69 -1.96 19.21
CA LEU B 108 -20.82 -2.02 17.80
C LEU B 108 -20.65 -3.39 17.23
N TYR B 109 -19.87 -4.24 17.84
CA TYR B 109 -19.64 -5.55 17.31
C TYR B 109 -20.85 -6.39 17.22
N HIS B 110 -21.60 -6.46 18.29
CA HIS B 110 -22.81 -7.18 18.35
C HIS B 110 -23.93 -6.58 17.61
N ARG B 111 -24.03 -5.27 17.62
CA ARG B 111 -25.11 -4.60 16.95
C ARG B 111 -25.03 -4.91 15.52
N LEU B 112 -23.82 -4.92 15.01
CA LEU B 112 -23.58 -5.20 13.62
C LEU B 112 -23.96 -6.57 13.16
N LEU B 113 -24.02 -7.52 14.06
CA LEU B 113 -24.34 -8.88 13.77
C LEU B 113 -25.80 -9.12 13.51
N ASP B 114 -26.64 -8.15 13.81
CA ASP B 114 -28.07 -8.25 13.61
C ASP B 114 -28.32 -7.81 12.20
N LYS B 115 -28.23 -8.72 11.28
CA LYS B 115 -28.42 -8.42 9.91
C LYS B 115 -29.83 -8.07 9.51
N ALA B 116 -30.74 -8.65 10.26
CA ALA B 116 -32.15 -8.49 10.04
C ALA B 116 -32.56 -7.11 10.34
N HIS B 117 -31.75 -6.42 11.10
CA HIS B 117 -32.03 -5.09 11.48
C HIS B 117 -30.90 -4.23 11.15
N PRO B 118 -30.90 -3.77 9.92
CA PRO B 118 -29.90 -2.87 9.40
C PRO B 118 -29.98 -1.49 9.95
N ILE B 119 -28.86 -0.79 10.00
CA ILE B 119 -28.84 0.55 10.51
C ILE B 119 -28.93 1.49 9.36
N LYS B 120 -29.66 2.58 9.51
CA LYS B 120 -29.82 3.54 8.44
C LYS B 120 -28.65 4.39 8.15
N TRP B 121 -28.53 4.79 6.93
CA TRP B 121 -27.41 5.52 6.49
C TRP B 121 -27.19 6.74 7.28
N SER B 122 -28.23 7.45 7.63
CA SER B 122 -28.04 8.65 8.37
C SER B 122 -27.38 8.31 9.67
N VAL B 123 -27.82 7.22 10.28
CA VAL B 123 -27.27 6.73 11.54
C VAL B 123 -25.86 6.23 11.43
N LYS B 124 -25.53 5.59 10.34
CA LYS B 124 -24.21 5.09 10.13
C LYS B 124 -23.24 6.23 10.09
N LEU B 125 -23.64 7.32 9.50
CA LEU B 125 -22.86 8.53 9.43
C LEU B 125 -22.64 9.17 10.78
N ARG B 126 -23.57 9.07 11.69
CA ARG B 126 -23.40 9.62 13.01
C ARG B 126 -22.40 8.88 13.78
N LEU B 127 -22.44 7.58 13.63
CA LEU B 127 -21.54 6.66 14.26
C LEU B 127 -20.16 6.87 13.76
N MET B 128 -20.03 7.07 12.48
CA MET B 128 -18.76 7.32 11.85
C MET B 128 -18.13 8.59 12.34
N LEU B 129 -18.89 9.65 12.39
CA LEU B 129 -18.46 10.93 12.91
C LEU B 129 -18.18 11.02 14.37
N ASP B 130 -19.00 10.34 15.13
CA ASP B 130 -18.91 10.34 16.55
C ASP B 130 -17.65 9.75 16.95
N ILE B 131 -17.24 8.71 16.29
CA ILE B 131 -15.98 8.07 16.57
C ILE B 131 -14.84 8.93 16.16
N ALA B 132 -14.93 9.59 15.04
CA ALA B 132 -13.88 10.45 14.58
C ALA B 132 -13.70 11.61 15.49
N LEU B 133 -14.79 12.09 16.01
CA LEU B 133 -14.76 13.21 16.91
C LEU B 133 -14.04 12.86 18.15
N GLY B 134 -14.24 11.66 18.64
CA GLY B 134 -13.55 11.18 19.80
C GLY B 134 -12.08 10.96 19.57
N ILE B 135 -11.72 10.31 18.49
CA ILE B 135 -10.33 10.06 18.15
C ILE B 135 -9.62 11.33 17.83
N GLU B 136 -10.34 12.29 17.31
CA GLU B 136 -9.78 13.59 17.03
C GLU B 136 -9.41 14.22 18.32
N TYR B 137 -10.19 13.98 19.35
CA TYR B 137 -9.92 14.52 20.64
C TYR B 137 -8.66 13.98 21.23
N MET B 138 -8.49 12.68 21.13
CA MET B 138 -7.36 11.96 21.64
C MET B 138 -6.10 12.36 20.97
N GLN B 139 -6.20 12.64 19.70
CA GLN B 139 -5.04 13.01 18.96
C GLN B 139 -4.60 14.45 19.12
N ASN B 140 -5.41 15.25 19.76
CA ASN B 140 -5.07 16.62 20.00
C ASN B 140 -4.49 16.78 21.38
N GLN B 141 -4.40 15.70 22.11
CA GLN B 141 -3.90 15.76 23.44
C GLN B 141 -2.44 15.94 23.37
N ASN B 142 -1.81 16.21 24.49
CA ASN B 142 -0.38 16.34 24.54
C ASN B 142 0.13 15.62 25.75
N PRO B 143 0.83 14.54 25.56
CA PRO B 143 1.11 14.01 24.24
C PRO B 143 -0.12 13.37 23.67
N PRO B 144 -0.15 13.01 22.41
CA PRO B 144 -1.33 12.42 21.81
C PRO B 144 -1.67 11.15 22.47
N ILE B 145 -2.93 10.75 22.44
CA ILE B 145 -3.33 9.51 23.08
C ILE B 145 -3.40 8.43 22.09
N VAL B 146 -2.64 7.38 22.33
CA VAL B 146 -2.63 6.27 21.43
C VAL B 146 -3.31 5.12 22.14
N HIS B 147 -4.51 4.79 21.68
CA HIS B 147 -5.37 3.75 22.19
C HIS B 147 -4.84 2.36 22.03
N ARG B 148 -4.39 2.06 20.85
CA ARG B 148 -3.78 0.80 20.53
C ARG B 148 -4.69 -0.40 20.36
N ASP B 149 -5.97 -0.28 20.64
CA ASP B 149 -6.86 -1.42 20.52
C ASP B 149 -8.24 -1.04 20.03
N LEU B 150 -8.35 -0.40 18.87
CA LEU B 150 -9.62 0.03 18.34
C LEU B 150 -10.24 -0.96 17.39
N ARG B 151 -11.39 -1.48 17.74
CA ARG B 151 -12.06 -2.43 16.94
C ARG B 151 -13.45 -2.18 17.26
N SER B 152 -14.34 -2.88 16.60
CA SER B 152 -15.75 -2.70 16.81
C SER B 152 -16.15 -3.03 18.22
N PRO B 153 -15.49 -3.95 18.88
CA PRO B 153 -15.83 -4.29 20.24
C PRO B 153 -15.64 -3.20 21.28
N ASN B 154 -14.78 -2.24 21.02
CA ASN B 154 -14.44 -1.16 21.94
C ASN B 154 -15.15 0.14 21.67
N ILE B 155 -16.19 0.09 20.87
CA ILE B 155 -16.96 1.23 20.51
C ILE B 155 -18.29 0.92 21.13
N LEU B 156 -18.76 1.74 22.05
CA LEU B 156 -20.00 1.54 22.72
C LEU B 156 -21.07 2.48 22.25
N LEU B 157 -22.28 1.97 22.04
CA LEU B 157 -23.34 2.78 21.52
C LEU B 157 -24.34 3.36 22.48
N GLN B 158 -24.31 4.67 22.62
CA GLN B 158 -25.24 5.41 23.41
C GLN B 158 -26.64 5.50 22.83
N SER B 159 -26.77 5.77 21.55
CA SER B 159 -28.07 5.82 20.91
C SER B 159 -28.01 5.48 19.49
N LEU B 160 -29.05 4.85 18.97
CA LEU B 160 -29.10 4.55 17.56
C LEU B 160 -30.12 5.41 16.89
N ASP B 161 -30.40 6.55 17.49
CA ASP B 161 -31.34 7.51 16.99
C ASP B 161 -30.49 8.53 16.33
N GLU B 162 -30.92 9.00 15.18
CA GLU B 162 -30.19 9.95 14.37
C GLU B 162 -30.00 11.29 15.01
N ASN B 163 -30.97 11.72 15.77
CA ASN B 163 -30.92 13.03 16.37
C ASN B 163 -30.38 13.12 17.74
N ALA B 164 -29.87 12.04 18.26
CA ALA B 164 -29.32 12.00 19.57
C ALA B 164 -28.07 12.83 19.62
N PRO B 165 -27.77 13.39 20.76
CA PRO B 165 -26.60 14.23 20.88
C PRO B 165 -25.37 13.44 20.70
N VAL B 166 -25.34 12.29 21.32
CA VAL B 166 -24.22 11.42 21.19
C VAL B 166 -24.77 10.08 20.85
N CYS B 167 -24.16 9.46 19.85
CA CYS B 167 -24.55 8.18 19.38
C CYS B 167 -23.56 7.10 19.73
N ALA B 168 -22.27 7.41 19.63
CA ALA B 168 -21.14 6.52 19.92
C ALA B 168 -20.07 7.06 20.84
N LYS B 169 -19.41 6.16 21.55
CA LYS B 169 -18.35 6.47 22.49
C LYS B 169 -17.17 5.52 22.34
N VAL B 170 -15.98 5.95 22.65
CA VAL B 170 -14.81 5.12 22.50
C VAL B 170 -14.54 4.57 23.86
N ALA B 171 -14.12 3.31 23.98
CA ALA B 171 -13.95 2.71 25.28
C ALA B 171 -12.82 1.86 25.94
N ASP B 172 -11.84 1.26 25.30
CA ASP B 172 -10.87 0.46 26.08
C ASP B 172 -9.73 1.35 26.34
N PHE B 173 -9.52 1.81 27.56
CA PHE B 173 -8.44 2.72 27.80
C PHE B 173 -7.17 2.26 28.49
N GLY B 174 -6.93 0.98 28.60
CA GLY B 174 -5.69 0.53 29.19
C GLY B 174 -5.03 0.42 27.89
N LEU B 175 -4.02 1.21 27.64
CA LEU B 175 -3.43 1.26 26.33
C LEU B 175 -2.54 0.16 25.88
N SER B 176 -3.09 -1.02 25.74
CA SER B 176 -2.31 -2.14 25.33
C SER B 176 -2.94 -2.85 24.20
N GLN B 177 -2.13 -3.59 23.49
CA GLN B 177 -2.60 -4.35 22.39
C GLN B 177 -2.82 -5.76 22.84
N LEU B 186 -9.15 -7.85 25.09
CA LEU B 186 -7.99 -7.38 25.81
C LEU B 186 -6.89 -7.27 24.80
N LEU B 187 -6.76 -8.33 24.01
CA LEU B 187 -5.74 -8.45 22.98
C LEU B 187 -6.15 -7.82 21.67
N GLY B 188 -7.23 -8.28 21.04
CA GLY B 188 -7.69 -7.70 19.77
C GLY B 188 -7.18 -8.64 18.73
N ASN B 189 -7.07 -8.22 17.47
CA ASN B 189 -6.51 -9.14 16.46
C ASN B 189 -5.97 -8.48 15.22
N PHE B 190 -5.30 -9.26 14.40
CA PHE B 190 -4.63 -8.72 13.24
C PHE B 190 -5.42 -8.05 12.17
N GLN B 191 -6.70 -8.31 12.08
CA GLN B 191 -7.46 -7.65 11.07
C GLN B 191 -7.52 -6.18 11.32
N TRP B 192 -7.65 -5.81 12.56
CA TRP B 192 -7.70 -4.44 13.00
C TRP B 192 -6.43 -3.70 12.94
N MET B 193 -5.35 -4.38 13.23
CA MET B 193 -4.04 -3.80 13.31
C MET B 193 -3.32 -3.29 12.11
N ALA B 194 -2.65 -2.17 12.32
CA ALA B 194 -1.86 -1.50 11.33
C ALA B 194 -0.68 -2.34 10.99
N PRO B 195 -0.20 -2.31 9.75
CA PRO B 195 0.93 -3.13 9.42
C PRO B 195 2.25 -2.88 10.15
N GLU B 196 2.67 -1.68 10.44
CA GLU B 196 3.92 -1.51 11.14
C GLU B 196 3.89 -2.04 12.52
N THR B 197 2.73 -2.02 13.10
CA THR B 197 2.47 -2.46 14.44
C THR B 197 2.48 -3.92 14.71
N ILE B 198 2.23 -4.73 13.71
CA ILE B 198 2.19 -6.15 13.92
C ILE B 198 3.55 -6.72 14.17
N GLY B 199 3.81 -7.09 15.40
CA GLY B 199 5.10 -7.63 15.73
C GLY B 199 6.03 -6.66 16.41
N ALA B 200 5.63 -5.41 16.48
CA ALA B 200 6.46 -4.41 17.12
C ALA B 200 5.85 -3.87 18.39
N GLU B 203 7.68 -2.11 20.54
CA GLU B 203 6.48 -1.49 20.03
C GLU B 203 6.50 0.04 19.99
N SER B 204 6.70 0.59 18.80
CA SER B 204 6.64 2.02 18.63
C SER B 204 5.40 2.12 17.81
N TYR B 205 4.38 2.67 18.46
CA TYR B 205 3.08 2.83 17.92
C TYR B 205 2.89 4.29 17.89
N THR B 206 2.31 4.77 16.82
CA THR B 206 2.07 6.16 16.65
C THR B 206 0.62 6.35 16.63
N GLU B 207 0.24 7.58 16.64
CA GLU B 207 -1.11 7.90 16.60
C GLU B 207 -1.67 7.40 15.34
N LYS B 208 -0.84 7.19 14.35
CA LYS B 208 -1.30 6.77 13.07
C LYS B 208 -1.65 5.31 12.95
N ALA B 209 -1.26 4.55 13.93
CA ALA B 209 -1.61 3.18 13.98
C ALA B 209 -3.08 3.15 14.20
N ASP B 210 -3.56 4.09 14.98
CA ASP B 210 -4.94 4.25 15.31
C ASP B 210 -5.72 4.68 14.14
N THR B 211 -5.12 5.47 13.30
CA THR B 211 -5.76 5.96 12.11
C THR B 211 -6.08 4.83 11.16
N TYR B 212 -5.21 3.84 11.12
CA TYR B 212 -5.38 2.66 10.29
C TYR B 212 -6.54 1.90 10.82
N SER B 213 -6.61 1.81 12.13
CA SER B 213 -7.65 1.10 12.79
C SER B 213 -8.97 1.71 12.55
N PHE B 214 -9.02 3.02 12.49
CA PHE B 214 -10.25 3.75 12.26
C PHE B 214 -10.86 3.44 10.91
N ALA B 215 -10.04 3.21 9.91
CA ALA B 215 -10.46 2.88 8.57
C ALA B 215 -11.17 1.57 8.54
N MET B 216 -10.72 0.67 9.38
CA MET B 216 -11.30 -0.63 9.54
C MET B 216 -12.65 -0.59 10.16
N ILE B 217 -12.77 0.27 11.15
CA ILE B 217 -14.01 0.53 11.84
C ILE B 217 -14.97 1.17 10.89
N LEU B 218 -14.53 2.08 10.07
CA LEU B 218 -15.40 2.71 9.12
C LEU B 218 -15.93 1.70 8.20
N TYR B 219 -15.08 0.78 7.79
CA TYR B 219 -15.42 -0.30 6.86
C TYR B 219 -16.47 -1.24 7.40
N THR B 220 -16.40 -1.58 8.64
CA THR B 220 -17.36 -2.46 9.27
C THR B 220 -18.73 -1.82 9.42
N ILE B 221 -18.80 -0.54 9.76
CA ILE B 221 -20.08 0.11 9.89
C ILE B 221 -20.73 0.15 8.55
N LEU B 222 -19.95 0.47 7.55
CA LEU B 222 -20.39 0.57 6.20
C LEU B 222 -20.92 -0.70 5.62
N THR B 223 -20.26 -1.79 5.85
CA THR B 223 -20.68 -3.04 5.31
C THR B 223 -21.35 -3.98 6.27
N GLY B 224 -21.02 -3.88 7.54
CA GLY B 224 -21.57 -4.76 8.55
C GLY B 224 -20.77 -6.04 8.71
N GLU B 225 -19.79 -6.20 7.84
CA GLU B 225 -18.93 -7.32 7.78
C GLU B 225 -17.68 -6.93 8.44
N GLY B 226 -16.98 -7.88 9.02
CA GLY B 226 -15.74 -7.63 9.71
C GLY B 226 -14.59 -7.51 8.77
N PRO B 227 -13.52 -6.84 9.13
CA PRO B 227 -12.43 -6.67 8.19
C PRO B 227 -11.69 -7.89 7.77
N PHE B 228 -11.58 -8.09 6.48
CA PHE B 228 -10.85 -9.20 5.94
C PHE B 228 -11.51 -10.54 6.02
N ASP B 229 -12.79 -10.58 6.29
CA ASP B 229 -13.53 -11.81 6.42
C ASP B 229 -13.75 -12.44 5.08
N GLU B 230 -13.40 -11.73 4.05
CA GLU B 230 -13.57 -12.18 2.70
C GLU B 230 -12.35 -12.92 2.23
N TYR B 231 -11.46 -13.18 3.17
CA TYR B 231 -10.19 -13.83 2.94
C TYR B 231 -9.89 -14.93 3.93
N SER B 232 -9.18 -15.98 3.53
CA SER B 232 -8.82 -17.06 4.43
C SER B 232 -7.40 -17.41 4.20
N TYR B 233 -6.50 -17.05 5.09
CA TYR B 233 -5.10 -17.35 4.95
C TYR B 233 -4.61 -17.81 6.29
N GLY B 234 -3.48 -18.45 6.32
CA GLY B 234 -2.91 -18.93 7.55
C GLY B 234 -2.36 -17.77 8.26
N LYS B 235 -1.94 -17.85 9.49
CA LYS B 235 -1.53 -16.63 10.15
C LYS B 235 -0.38 -15.91 9.52
N ILE B 236 0.71 -16.58 9.20
CA ILE B 236 1.80 -15.92 8.53
C ILE B 236 1.59 -15.33 7.19
N LYS B 237 0.88 -16.02 6.33
CA LYS B 237 0.64 -15.51 5.00
C LYS B 237 -0.21 -14.29 5.06
N PHE B 238 -1.19 -14.30 5.94
CA PHE B 238 -2.12 -13.21 6.10
C PHE B 238 -1.39 -11.96 6.50
N ILE B 239 -0.52 -12.09 7.46
CA ILE B 239 0.18 -10.95 7.98
C ILE B 239 1.04 -10.26 7.00
N ASN B 240 1.79 -11.02 6.24
CA ASN B 240 2.61 -10.98 4.92
CA ASN B 240 2.63 -10.97 4.88
C ASN B 240 1.94 -10.37 3.64
N MET B 241 0.73 -10.82 3.43
CA MET B 241 -0.14 -10.16 2.50
C MET B 241 -0.55 -8.75 2.88
N ILE B 242 -1.02 -8.54 4.10
CA ILE B 242 -1.41 -7.23 4.51
C ILE B 242 -0.22 -6.35 4.57
N ARG B 243 0.80 -6.83 5.23
CA ARG B 243 1.99 -6.06 5.41
C ARG B 243 2.78 -5.73 4.17
N GLU B 244 2.99 -6.68 3.27
CA GLU B 244 3.73 -6.38 2.08
C GLU B 244 3.06 -6.50 0.74
N GLU B 245 1.84 -6.94 0.68
CA GLU B 245 1.15 -7.00 -0.58
C GLU B 245 0.02 -6.00 -0.60
N GLY B 246 -0.15 -5.30 0.50
CA GLY B 246 -1.15 -4.30 0.64
C GLY B 246 -2.59 -4.74 0.66
N LEU B 247 -2.84 -5.95 1.07
CA LEU B 247 -4.17 -6.46 1.10
C LEU B 247 -4.99 -5.72 2.08
N ARG B 248 -6.22 -5.47 1.70
CA ARG B 248 -7.17 -4.77 2.50
C ARG B 248 -8.47 -5.28 2.08
N PRO B 249 -9.49 -4.97 2.82
CA PRO B 249 -10.82 -5.41 2.51
C PRO B 249 -11.35 -4.74 1.31
N THR B 250 -12.32 -5.31 0.65
CA THR B 250 -12.85 -4.72 -0.55
C THR B 250 -14.01 -3.81 -0.24
N ILE B 251 -13.90 -2.58 -0.71
CA ILE B 251 -14.91 -1.59 -0.53
C ILE B 251 -15.85 -1.75 -1.66
N PRO B 252 -17.13 -1.75 -1.36
CA PRO B 252 -18.15 -1.91 -2.35
C PRO B 252 -18.39 -0.75 -3.28
N GLU B 253 -19.14 -1.01 -4.33
CA GLU B 253 -19.53 -0.04 -5.30
C GLU B 253 -20.57 0.95 -4.84
N ASP B 254 -21.47 0.52 -4.00
CA ASP B 254 -22.48 1.40 -3.53
C ASP B 254 -21.84 2.48 -2.73
N CYS B 255 -20.61 2.27 -2.30
CA CYS B 255 -19.94 3.27 -1.50
C CYS B 255 -19.72 4.58 -2.20
N PRO B 256 -19.97 5.66 -1.47
CA PRO B 256 -19.80 7.00 -1.97
C PRO B 256 -18.38 7.23 -2.20
N PRO B 257 -18.01 8.04 -3.15
CA PRO B 257 -16.61 8.27 -3.41
C PRO B 257 -15.86 8.91 -2.29
N ARG B 258 -16.48 9.87 -1.66
CA ARG B 258 -15.87 10.58 -0.58
C ARG B 258 -15.58 9.72 0.61
N LEU B 259 -16.48 8.82 0.92
CA LEU B 259 -16.27 7.93 2.02
C LEU B 259 -15.17 7.01 1.75
N ARG B 260 -15.08 6.56 0.52
CA ARG B 260 -14.05 5.62 0.09
C ARG B 260 -12.68 6.22 0.10
N ASN B 261 -12.57 7.46 -0.29
CA ASN B 261 -11.28 8.09 -0.34
C ASN B 261 -10.73 8.11 1.01
N VAL B 262 -11.58 8.42 1.96
CA VAL B 262 -11.18 8.51 3.33
C VAL B 262 -10.70 7.22 3.90
N ILE B 263 -11.40 6.16 3.62
CA ILE B 263 -11.03 4.89 4.14
C ILE B 263 -9.68 4.50 3.60
N GLU B 264 -9.47 4.64 2.32
CA GLU B 264 -8.19 4.31 1.67
C GLU B 264 -6.99 5.10 2.10
N LEU B 265 -7.17 6.34 2.45
CA LEU B 265 -6.12 7.19 2.94
C LEU B 265 -5.69 6.77 4.29
N CYS B 266 -6.68 6.43 5.09
CA CYS B 266 -6.55 5.98 6.47
C CYS B 266 -5.86 4.66 6.64
N TRP B 267 -6.08 3.77 5.71
CA TRP B 267 -5.47 2.49 5.76
C TRP B 267 -4.30 2.25 4.87
N SER B 268 -3.57 3.29 4.61
CA SER B 268 -2.41 3.32 3.81
C SER B 268 -1.31 2.63 4.49
N GLY B 269 -0.41 2.03 3.73
CA GLY B 269 0.76 1.37 4.24
C GLY B 269 1.70 2.31 4.89
N ASP B 270 1.78 3.51 4.35
CA ASP B 270 2.66 4.52 4.85
C ASP B 270 1.91 5.26 5.86
N PRO B 271 2.31 5.21 7.11
CA PRO B 271 1.60 5.90 8.16
C PRO B 271 1.54 7.40 8.01
N LYS B 272 2.54 8.02 7.42
CA LYS B 272 2.57 9.45 7.23
C LYS B 272 1.55 9.93 6.23
N LYS B 273 1.12 9.01 5.40
CA LYS B 273 0.18 9.34 4.38
C LYS B 273 -1.23 9.29 4.88
N ARG B 274 -1.38 8.87 6.13
CA ARG B 274 -2.64 8.72 6.82
C ARG B 274 -3.03 10.06 7.37
N PRO B 275 -4.27 10.45 7.20
CA PRO B 275 -4.75 11.76 7.56
C PRO B 275 -4.89 12.24 8.99
N HIS B 276 -4.95 13.55 9.14
CA HIS B 276 -5.12 14.19 10.40
C HIS B 276 -6.55 14.05 10.53
N PHE B 277 -7.05 13.99 11.74
CA PHE B 277 -8.47 13.80 11.99
C PHE B 277 -9.38 14.95 11.70
N SER B 278 -8.78 16.11 11.52
CA SER B 278 -9.48 17.29 11.13
C SER B 278 -9.98 17.07 9.75
N TYR B 279 -9.15 16.49 8.90
CA TYR B 279 -9.52 16.20 7.55
C TYR B 279 -10.56 15.16 7.51
N ILE B 280 -10.43 14.16 8.34
CA ILE B 280 -11.36 13.08 8.34
C ILE B 280 -12.72 13.56 8.71
N VAL B 281 -12.78 14.34 9.74
CA VAL B 281 -14.05 14.84 10.17
C VAL B 281 -14.72 15.74 9.17
N LYS B 282 -13.98 16.59 8.52
CA LYS B 282 -14.58 17.48 7.58
C LYS B 282 -15.19 16.73 6.46
N GLU B 283 -14.49 15.73 6.00
CA GLU B 283 -14.94 14.88 4.94
C GLU B 283 -16.11 14.09 5.26
N LEU B 284 -16.17 13.62 6.47
CA LEU B 284 -17.28 12.83 6.96
C LEU B 284 -18.50 13.66 7.06
N SER B 285 -18.35 14.87 7.48
CA SER B 285 -19.48 15.75 7.62
C SER B 285 -20.11 16.09 6.31
N GLU B 286 -19.42 15.87 5.22
CA GLU B 286 -19.96 16.19 3.92
C GLU B 286 -20.59 15.05 3.22
N LEU B 287 -20.71 13.92 3.88
CA LEU B 287 -21.31 12.77 3.29
C LEU B 287 -22.79 12.94 3.23
#